data_4G31
#
_entry.id   4G31
#
_cell.length_a   101.119
_cell.length_b   101.119
_cell.length_c   158.831
_cell.angle_alpha   90.00
_cell.angle_beta   90.00
_cell.angle_gamma   120.00
#
_symmetry.space_group_name_H-M   'P 61 2 2'
#
loop_
_entity.id
_entity.type
_entity.pdbx_description
1 polymer 'Eukaryotic translation initiation factor 2-alpha kinase 3'
2 non-polymer GLYCEROL
3 non-polymer 1-[5-(4-amino-7-methyl-7H-pyrrolo[2,3-d]pyrimidin-5-yl)-2,3-dihydro-1H-indol-1-yl]-2-[3-(trifluoromethyl)phenyl]ethanone
4 water water
#
_entity_poly.entity_id   1
_entity_poly.type   'polypeptide(L)'
_entity_poly.pdbx_seq_one_letter_code
;GRYLTDFEPIQCLGRGGFGVVFEAKNKVDDCNYAIKRIRLPNRELAREKVMREVKALAKLEHPGIVRYFNAWLEKNTTEK
LQPSSPKVYLYIQMQLCRKENLKDWMNGRCTIEERERSVCLHIFLQIAEAVEFLHSKGLMHRDLKPSNIFFTMDDVVKVG
DFGLVTAMDQDEEEQTVLTPMPAYARHTGQVGTKLYMSPEQIHGNSYSHKVDIFSLGLILFELLYPFSTQMERVRTLTDV
RNLKFPPLFTQKYPCEYVMVQDMLSPSPMERPEAINIIENAVFEDLDFPGKTVLRQRSR
;
_entity_poly.pdbx_strand_id   A
#
loop_
_chem_comp.id
_chem_comp.type
_chem_comp.name
_chem_comp.formula
0WH non-polymer 1-[5-(4-amino-7-methyl-7H-pyrrolo[2,3-d]pyrimidin-5-yl)-2,3-dihydro-1H-indol-1-yl]-2-[3-(trifluoromethyl)phenyl]ethanone 'C24 H20 F3 N5 O'
GOL non-polymer GLYCEROL 'C3 H8 O3'
#
# COMPACT_ATOMS: atom_id res chain seq x y z
N GLY A 1 27.35 -11.34 7.43
CA GLY A 1 28.13 -10.27 6.83
C GLY A 1 27.64 -8.89 7.23
N ARG A 2 27.56 -8.00 6.25
CA ARG A 2 27.19 -6.60 6.50
C ARG A 2 26.02 -6.39 7.47
N TYR A 3 24.92 -7.10 7.26
CA TYR A 3 23.76 -6.95 8.14
C TYR A 3 24.09 -7.16 9.61
N LEU A 4 24.76 -8.28 9.92
CA LEU A 4 25.07 -8.60 11.32
C LEU A 4 26.20 -7.72 11.87
N THR A 5 27.16 -7.39 11.02
CA THR A 5 28.26 -6.51 11.40
C THR A 5 27.82 -5.07 11.68
N ASP A 6 26.97 -4.53 10.81
CA ASP A 6 26.64 -3.11 10.85
C ASP A 6 25.33 -2.75 11.55
N PHE A 7 24.48 -3.74 11.82
CA PHE A 7 23.17 -3.49 12.42
C PHE A 7 22.94 -4.32 13.67
N GLU A 8 22.16 -3.76 14.59
CA GLU A 8 21.62 -4.48 15.73
C GLU A 8 20.14 -4.74 15.53
N PRO A 9 19.76 -6.00 15.39
CA PRO A 9 18.34 -6.37 15.25
C PRO A 9 17.53 -5.94 16.46
N ILE A 10 16.33 -5.45 16.22
CA ILE A 10 15.47 -4.98 17.30
C ILE A 10 14.22 -5.85 17.41
N GLN A 11 13.71 -6.29 16.26
CA GLN A 11 12.41 -6.94 16.23
C GLN A 11 11.97 -7.24 14.79
N CYS A 12 11.16 -8.28 14.62
CA CYS A 12 10.63 -8.62 13.30
C CYS A 12 9.33 -7.85 13.06
N LEU A 13 9.16 -7.31 11.85
CA LEU A 13 8.02 -6.44 11.55
C LEU A 13 7.03 -7.08 10.59
N GLY A 14 7.42 -8.19 9.98
CA GLY A 14 6.52 -8.88 9.07
C GLY A 14 7.24 -9.91 8.21
N ARG A 15 6.52 -10.96 7.83
CA ARG A 15 7.06 -12.00 6.96
C ARG A 15 6.05 -12.33 5.87
N GLY A 16 6.54 -12.79 4.72
CA GLY A 16 5.68 -13.15 3.60
C GLY A 16 6.43 -13.63 2.37
N GLY A 19 9.64 -12.50 1.47
CA GLY A 19 10.72 -12.31 2.43
C GLY A 19 10.29 -11.88 3.83
N VAL A 20 11.22 -11.27 4.57
CA VAL A 20 10.96 -10.82 5.93
CA VAL A 20 10.95 -10.81 5.92
C VAL A 20 11.40 -9.36 6.12
N VAL A 21 10.72 -8.65 7.00
CA VAL A 21 11.08 -7.27 7.33
C VAL A 21 11.43 -7.09 8.81
N PHE A 22 12.64 -6.60 9.08
CA PHE A 22 13.13 -6.39 10.43
C PHE A 22 13.26 -4.90 10.75
N GLU A 23 12.98 -4.53 12.00
CA GLU A 23 13.43 -3.25 12.51
C GLU A 23 14.84 -3.43 13.05
N ALA A 24 15.78 -2.60 12.61
CA ALA A 24 17.16 -2.74 13.07
C ALA A 24 17.90 -1.41 13.17
N LYS A 25 18.81 -1.31 14.12
CA LYS A 25 19.53 -0.07 14.34
C LYS A 25 20.91 -0.10 13.70
N ASN A 26 21.20 0.90 12.89
CA ASN A 26 22.54 1.02 12.33
C ASN A 26 23.52 1.47 13.41
N LYS A 27 24.58 0.70 13.60
CA LYS A 27 25.53 0.97 14.68
C LYS A 27 26.20 2.32 14.54
N VAL A 28 26.57 2.66 13.30
CA VAL A 28 27.28 3.90 13.04
C VAL A 28 26.41 5.17 13.17
N ASP A 29 25.21 5.17 12.58
CA ASP A 29 24.39 6.39 12.58
C ASP A 29 23.29 6.37 13.64
N ASP A 30 23.16 5.23 14.31
CA ASP A 30 22.30 5.12 15.49
C ASP A 30 20.80 5.22 15.18
N CYS A 31 20.44 5.24 13.90
CA CYS A 31 19.02 5.30 13.53
C CYS A 31 18.45 3.90 13.39
N ASN A 32 17.15 3.78 13.61
CA ASN A 32 16.44 2.53 13.35
C ASN A 32 15.86 2.52 11.92
N TYR A 33 15.93 1.37 11.27
CA TYR A 33 15.49 1.22 9.90
C TYR A 33 14.62 -0.02 9.74
N ALA A 34 13.76 0.01 8.73
CA ALA A 34 13.05 -1.18 8.32
C ALA A 34 13.90 -1.85 7.24
N ILE A 35 14.24 -3.12 7.47
CA ILE A 35 15.13 -3.82 6.57
C ILE A 35 14.49 -5.09 6.05
N LYS A 36 14.31 -5.16 4.74
CA LYS A 36 13.69 -6.33 4.14
C LYS A 36 14.75 -7.26 3.59
N ARG A 37 14.64 -8.54 3.94
CA ARG A 37 15.52 -9.56 3.39
C ARG A 37 14.71 -10.44 2.48
N ILE A 38 15.21 -10.58 1.26
CA ILE A 38 14.52 -11.31 0.22
C ILE A 38 15.45 -12.41 -0.28
N ARG A 39 14.93 -13.63 -0.36
CA ARG A 39 15.70 -14.73 -0.93
C ARG A 39 15.81 -14.57 -2.45
N LEU A 40 17.02 -14.40 -2.95
CA LEU A 40 17.24 -14.23 -4.39
C LEU A 40 17.05 -15.54 -5.15
N PRO A 41 16.35 -15.49 -6.29
CA PRO A 41 16.17 -16.67 -7.15
C PRO A 41 17.51 -17.28 -7.59
N ASN A 42 17.54 -18.60 -7.71
CA ASN A 42 18.76 -19.29 -8.13
C ASN A 42 19.02 -19.16 -9.63
N ARG A 43 17.94 -19.17 -10.42
CA ARG A 43 18.04 -19.06 -11.87
C ARG A 43 18.52 -17.68 -12.31
N GLU A 44 19.55 -17.65 -13.15
CA GLU A 44 20.15 -16.39 -13.59
C GLU A 44 19.14 -15.38 -14.17
N LEU A 45 18.22 -15.85 -15.00
CA LEU A 45 17.25 -14.94 -15.63
C LEU A 45 16.26 -14.33 -14.63
N ALA A 46 15.78 -15.13 -13.69
CA ALA A 46 14.83 -14.64 -12.69
C ALA A 46 15.50 -13.65 -11.75
N ARG A 47 16.77 -13.91 -11.45
CA ARG A 47 17.55 -13.05 -10.57
CA ARG A 47 17.57 -13.05 -10.59
C ARG A 47 17.80 -11.69 -11.24
N GLU A 48 18.10 -11.70 -12.53
CA GLU A 48 18.33 -10.47 -13.26
C GLU A 48 17.10 -9.58 -13.28
N LYS A 49 15.92 -10.20 -13.29
CA LYS A 49 14.68 -9.43 -13.27
C LYS A 49 14.60 -8.63 -11.96
N VAL A 50 14.85 -9.30 -10.84
CA VAL A 50 14.85 -8.67 -9.54
C VAL A 50 15.86 -7.51 -9.45
N MET A 51 17.08 -7.72 -9.93
CA MET A 51 18.12 -6.70 -9.91
C MET A 51 17.78 -5.49 -10.78
N ARG A 52 17.01 -5.72 -11.84
CA ARG A 52 16.61 -4.60 -12.71
C ARG A 52 15.57 -3.74 -11.99
N GLU A 53 14.66 -4.41 -11.28
CA GLU A 53 13.63 -3.72 -10.52
C GLU A 53 14.22 -2.87 -9.38
N VAL A 54 15.28 -3.37 -8.74
CA VAL A 54 15.96 -2.59 -7.71
C VAL A 54 16.48 -1.28 -8.30
N LYS A 55 17.15 -1.36 -9.44
CA LYS A 55 17.68 -0.18 -10.10
C LYS A 55 16.59 0.84 -10.48
N ALA A 56 15.43 0.37 -10.85
CA ALA A 56 14.34 1.27 -11.17
C ALA A 56 13.77 1.94 -9.91
N LEU A 57 13.40 1.12 -8.92
CA LEU A 57 12.79 1.63 -7.70
C LEU A 57 13.71 2.59 -6.96
N ALA A 58 14.99 2.27 -6.89
CA ALA A 58 15.96 3.11 -6.17
C ALA A 58 16.05 4.55 -6.70
N LYS A 59 15.49 4.80 -7.87
CA LYS A 59 15.50 6.16 -8.42
C LYS A 59 14.27 6.95 -7.98
N LEU A 60 13.32 6.25 -7.37
CA LEU A 60 12.06 6.88 -6.99
C LEU A 60 12.19 7.78 -5.75
N GLU A 61 11.61 8.98 -5.85
CA GLU A 61 11.58 9.96 -4.76
C GLU A 61 10.24 10.68 -4.82
N HIS A 62 9.41 10.50 -3.80
CA HIS A 62 8.07 11.09 -3.74
C HIS A 62 7.54 11.10 -2.29
N PRO A 63 6.75 12.12 -1.93
CA PRO A 63 6.23 12.23 -0.55
C PRO A 63 5.44 11.00 -0.08
N GLY A 64 4.84 10.24 -1.01
CA GLY A 64 4.03 9.08 -0.65
C GLY A 64 4.76 7.76 -0.74
N ILE A 65 6.05 7.82 -1.04
CA ILE A 65 6.86 6.63 -1.17
C ILE A 65 7.89 6.55 -0.06
N VAL A 66 7.98 5.39 0.59
CA VAL A 66 8.92 5.27 1.70
C VAL A 66 10.34 5.58 1.23
N ARG A 67 11.06 6.35 2.04
CA ARG A 67 12.42 6.77 1.74
C ARG A 67 13.39 5.59 1.73
N TYR A 68 14.21 5.52 0.68
CA TYR A 68 15.14 4.42 0.47
C TYR A 68 16.55 4.81 0.91
N PHE A 69 17.27 3.87 1.52
CA PHE A 69 18.64 4.14 1.96
C PHE A 69 19.69 3.30 1.27
N ASN A 70 19.46 1.99 1.19
CA ASN A 70 20.48 1.09 0.66
C ASN A 70 19.97 -0.29 0.27
N ALA A 71 20.69 -0.92 -0.65
CA ALA A 71 20.40 -2.28 -1.08
C ALA A 71 21.72 -2.98 -1.29
N TRP A 72 21.81 -4.22 -0.81
CA TRP A 72 23.03 -5.01 -1.00
C TRP A 72 22.74 -6.51 -0.98
N LEU A 73 23.69 -7.28 -1.48
CA LEU A 73 23.55 -8.73 -1.50
C LEU A 73 24.49 -9.37 -0.48
N GLU A 74 24.10 -10.56 -0.02
CA GLU A 74 24.93 -11.37 0.88
C GLU A 74 24.79 -12.83 0.48
N LYS A 75 25.89 -13.57 0.52
CA LYS A 75 25.85 -15.01 0.22
C LYS A 75 25.53 -15.80 1.48
N ASN A 76 24.45 -16.60 1.44
CA ASN A 76 23.86 -17.35 2.55
C ASN A 76 24.86 -17.70 3.65
N LYS A 87 22.40 -20.01 -2.74
CA LYS A 87 21.45 -19.15 -2.04
C LYS A 87 22.07 -17.78 -1.73
N VAL A 88 21.44 -16.74 -2.28
CA VAL A 88 21.88 -15.37 -2.02
C VAL A 88 20.71 -14.55 -1.47
N TYR A 89 21.03 -13.62 -0.56
CA TYR A 89 20.01 -12.75 0.02
C TYR A 89 20.14 -11.31 -0.48
N LEU A 90 19.02 -10.71 -0.84
CA LEU A 90 18.96 -9.28 -1.14
C LEU A 90 18.45 -8.52 0.07
N TYR A 91 19.23 -7.56 0.55
CA TYR A 91 18.83 -6.71 1.67
C TYR A 91 18.42 -5.33 1.21
N ILE A 92 17.31 -4.83 1.75
CA ILE A 92 16.83 -3.50 1.40
C ILE A 92 16.56 -2.68 2.65
N GLN A 93 17.25 -1.55 2.76
CA GLN A 93 17.16 -0.68 3.92
C GLN A 93 16.27 0.55 3.64
N MET A 94 15.11 0.58 4.29
CA MET A 94 14.14 1.65 4.13
C MET A 94 13.95 2.44 5.44
N GLN A 95 13.38 3.63 5.32
CA GLN A 95 13.03 4.40 6.49
C GLN A 95 12.03 3.61 7.33
N LEU A 96 12.26 3.56 8.65
CA LEU A 96 11.28 2.93 9.55
C LEU A 96 10.04 3.80 9.74
N CYS A 97 8.89 3.27 9.37
CA CYS A 97 7.61 3.93 9.62
C CYS A 97 7.02 3.49 10.97
N ARG A 98 5.95 4.14 11.39
CA ARG A 98 5.28 3.84 12.67
C ARG A 98 4.76 2.42 12.75
N LYS A 99 4.59 1.93 13.97
CA LYS A 99 4.07 0.59 14.22
C LYS A 99 2.59 0.53 13.89
N GLU A 100 1.90 1.63 14.11
CA GLU A 100 0.49 1.72 13.75
C GLU A 100 0.33 1.99 12.24
N ASN A 101 -0.13 0.99 11.49
CA ASN A 101 -0.41 1.17 10.07
C ASN A 101 -1.85 1.65 9.88
N LEU A 102 -2.29 1.75 8.63
CA LEU A 102 -3.63 2.26 8.33
C LEU A 102 -4.73 1.30 8.80
N LYS A 103 -4.47 0.00 8.75
CA LYS A 103 -5.39 -0.97 9.32
C LYS A 103 -5.61 -0.73 10.83
N ASP A 104 -4.53 -0.61 11.59
CA ASP A 104 -4.61 -0.29 13.02
C ASP A 104 -5.35 1.02 13.24
N TRP A 105 -4.99 2.03 12.45
CA TRP A 105 -5.59 3.34 12.56
C TRP A 105 -7.09 3.25 12.48
N MET A 106 -7.62 2.50 11.52
CA MET A 106 -9.06 2.39 11.39
C MET A 106 -9.67 1.53 12.52
N ASN A 107 -8.91 0.56 13.01
CA ASN A 107 -9.37 -0.31 14.09
C ASN A 107 -9.59 0.46 15.41
N GLY A 108 -8.74 1.46 15.65
CA GLY A 108 -8.87 2.29 16.82
C GLY A 108 -9.90 3.40 16.68
N ARG A 109 -10.55 3.48 15.53
CA ARG A 109 -11.54 4.54 15.28
C ARG A 109 -12.84 3.99 14.70
N CYS A 110 -13.62 3.33 15.55
CA CYS A 110 -14.77 2.56 15.09
C CYS A 110 -16.09 3.32 15.06
N THR A 111 -16.04 4.64 15.26
CA THR A 111 -17.27 5.42 15.25
C THR A 111 -17.16 6.55 14.23
N ILE A 112 -18.29 6.96 13.67
CA ILE A 112 -18.26 8.05 12.69
C ILE A 112 -17.45 9.24 13.21
N GLU A 113 -17.72 9.63 14.45
CA GLU A 113 -17.08 10.81 15.04
C GLU A 113 -15.56 10.73 15.06
N GLU A 114 -15.03 9.51 15.16
CA GLU A 114 -13.59 9.31 15.13
C GLU A 114 -13.04 9.28 13.69
N ARG A 115 -13.93 9.46 12.72
CA ARG A 115 -13.52 9.46 11.31
C ARG A 115 -13.98 10.76 10.62
N GLU A 116 -13.33 11.87 11.01
CA GLU A 116 -13.60 13.16 10.40
C GLU A 116 -13.39 13.06 8.89
N ARG A 117 -14.43 13.39 8.14
CA ARG A 117 -14.39 13.36 6.69
C ARG A 117 -13.09 13.94 6.16
N SER A 118 -12.81 15.16 6.58
CA SER A 118 -11.66 15.90 6.10
C SER A 118 -10.35 15.12 6.25
N VAL A 119 -10.16 14.55 7.44
CA VAL A 119 -8.96 13.80 7.77
C VAL A 119 -8.86 12.53 6.92
N CYS A 120 -10.02 11.90 6.69
CA CYS A 120 -10.08 10.66 5.95
C CYS A 120 -9.73 10.90 4.48
N LEU A 121 -10.29 11.96 3.90
CA LEU A 121 -10.05 12.31 2.51
C LEU A 121 -8.60 12.74 2.28
N HIS A 122 -8.02 13.44 3.25
CA HIS A 122 -6.62 13.85 3.19
C HIS A 122 -5.70 12.63 3.21
N ILE A 123 -6.07 11.62 4.01
CA ILE A 123 -5.31 10.38 4.01
C ILE A 123 -5.40 9.71 2.64
N PHE A 124 -6.63 9.54 2.14
CA PHE A 124 -6.80 8.86 0.88
C PHE A 124 -6.09 9.60 -0.25
N LEU A 125 -6.13 10.93 -0.21
CA LEU A 125 -5.58 11.74 -1.27
C LEU A 125 -4.08 11.50 -1.42
N GLN A 126 -3.40 11.39 -0.28
CA GLN A 126 -1.96 11.13 -0.28
C GLN A 126 -1.65 9.78 -0.90
N ILE A 127 -2.50 8.80 -0.62
CA ILE A 127 -2.33 7.48 -1.19
C ILE A 127 -2.48 7.56 -2.71
N ALA A 128 -3.54 8.21 -3.16
CA ALA A 128 -3.85 8.29 -4.58
C ALA A 128 -2.77 9.05 -5.32
N GLU A 129 -2.16 10.03 -4.66
CA GLU A 129 -1.11 10.82 -5.28
C GLU A 129 0.17 10.00 -5.46
N ALA A 130 0.47 9.14 -4.50
CA ALA A 130 1.61 8.26 -4.62
C ALA A 130 1.37 7.27 -5.76
N VAL A 131 0.14 6.77 -5.84
CA VAL A 131 -0.24 5.88 -6.92
C VAL A 131 -0.14 6.58 -8.30
N GLU A 132 -0.65 7.81 -8.39
CA GLU A 132 -0.57 8.53 -9.67
C GLU A 132 0.90 8.71 -10.09
N PHE A 133 1.76 8.99 -9.13
CA PHE A 133 3.18 9.14 -9.38
C PHE A 133 3.77 7.87 -10.02
N LEU A 134 3.49 6.72 -9.40
CA LEU A 134 4.02 5.46 -9.90
C LEU A 134 3.51 5.18 -11.32
N HIS A 135 2.21 5.36 -11.53
CA HIS A 135 1.62 5.10 -12.84
C HIS A 135 2.25 5.97 -13.94
N SER A 136 2.57 7.22 -13.59
CA SER A 136 3.15 8.16 -14.54
C SER A 136 4.57 7.70 -14.91
N LYS A 137 5.15 6.85 -14.06
CA LYS A 137 6.49 6.32 -14.31
C LYS A 137 6.41 4.96 -15.01
N GLY A 138 5.21 4.49 -15.34
CA GLY A 138 5.06 3.18 -15.94
C GLY A 138 5.18 2.05 -14.94
N LEU A 139 5.06 2.37 -13.65
CA LEU A 139 5.08 1.36 -12.58
C LEU A 139 3.69 1.19 -11.99
N MET A 140 3.46 0.05 -11.36
CA MET A 140 2.24 -0.10 -10.57
C MET A 140 2.54 -0.65 -9.18
N HIS A 141 1.60 -0.49 -8.27
CA HIS A 141 1.86 -0.89 -6.90
C HIS A 141 1.50 -2.37 -6.67
N ARG A 142 0.27 -2.74 -7.00
CA ARG A 142 -0.16 -4.15 -6.94
C ARG A 142 -0.54 -4.67 -5.57
N ASP A 143 -0.12 -4.00 -4.50
CA ASP A 143 -0.36 -4.56 -3.16
C ASP A 143 -0.90 -3.50 -2.19
N LEU A 144 -1.91 -2.76 -2.63
CA LEU A 144 -2.51 -1.69 -1.80
C LEU A 144 -3.60 -2.22 -0.90
N LYS A 145 -3.42 -2.05 0.40
CA LYS A 145 -4.36 -2.50 1.42
C LYS A 145 -3.94 -1.83 2.72
N PRO A 146 -4.88 -1.62 3.65
CA PRO A 146 -4.55 -0.85 4.86
C PRO A 146 -3.37 -1.41 5.68
N SER A 147 -3.22 -2.73 5.75
CA SER A 147 -2.11 -3.29 6.53
C SER A 147 -0.78 -2.97 5.90
N ASN A 148 -0.81 -2.53 4.63
CA ASN A 148 0.39 -2.16 3.89
C ASN A 148 0.37 -0.69 3.48
N ILE A 149 -0.31 0.13 4.27
CA ILE A 149 -0.19 1.58 4.15
C ILE A 149 0.32 2.16 5.48
N PHE A 150 1.36 2.99 5.43
CA PHE A 150 2.05 3.40 6.64
C PHE A 150 2.01 4.90 6.92
N PHE A 151 2.42 5.27 8.13
CA PHE A 151 2.63 6.66 8.53
C PHE A 151 4.10 6.82 8.92
N THR A 152 4.72 7.94 8.55
CA THR A 152 6.05 8.24 9.05
C THR A 152 5.97 8.71 10.49
N MET A 153 7.12 8.84 11.15
CA MET A 153 7.13 9.39 12.51
C MET A 153 6.51 10.79 12.52
N ASP A 154 6.67 11.55 11.43
CA ASP A 154 6.06 12.86 11.31
C ASP A 154 4.67 12.83 10.66
N ASP A 155 4.06 11.65 10.65
CA ASP A 155 2.66 11.49 10.21
C ASP A 155 2.35 11.60 8.72
N VAL A 156 3.38 11.58 7.88
CA VAL A 156 3.15 11.54 6.44
C VAL A 156 2.72 10.13 6.01
N VAL A 157 1.66 10.05 5.22
CA VAL A 157 1.14 8.78 4.71
C VAL A 157 2.07 8.20 3.62
N LYS A 158 2.33 6.91 3.71
CA LYS A 158 3.16 6.21 2.73
C LYS A 158 2.48 4.97 2.18
N VAL A 159 2.47 4.79 0.85
CA VAL A 159 2.15 3.46 0.35
C VAL A 159 3.27 2.51 0.77
N GLY A 160 2.90 1.27 1.08
CA GLY A 160 3.87 0.31 1.58
C GLY A 160 4.70 -0.44 0.57
N ASP A 161 5.23 -1.57 1.03
CA ASP A 161 6.15 -2.41 0.27
C ASP A 161 5.52 -2.82 -1.05
N PHE A 162 6.27 -2.70 -2.14
CA PHE A 162 5.83 -3.15 -3.46
C PHE A 162 7.07 -3.45 -4.30
N GLY A 163 6.86 -4.05 -5.47
CA GLY A 163 7.96 -4.42 -6.34
C GLY A 163 8.70 -5.68 -5.94
N LEU A 164 9.65 -6.09 -6.77
CA LEU A 164 10.51 -7.25 -6.49
C LEU A 164 9.72 -8.54 -6.27
N VAL A 165 8.66 -8.74 -7.06
CA VAL A 165 7.83 -9.93 -6.95
C VAL A 165 6.79 -9.95 -8.06
N GLY A 192 -1.45 -13.39 1.86
CA GLY A 192 -2.21 -12.27 2.40
C GLY A 192 -3.65 -12.23 1.93
N THR A 193 -4.40 -11.28 2.45
CA THR A 193 -5.80 -11.12 2.06
C THR A 193 -5.91 -10.71 0.59
N LYS A 194 -6.96 -11.17 -0.07
CA LYS A 194 -7.22 -10.82 -1.46
C LYS A 194 -8.37 -9.83 -1.52
N LEU A 195 -8.79 -9.39 -0.33
CA LEU A 195 -9.94 -8.50 -0.16
C LEU A 195 -9.85 -7.20 -0.99
N TYR A 196 -8.65 -6.68 -1.20
CA TYR A 196 -8.46 -5.42 -1.91
C TYR A 196 -7.99 -5.63 -3.34
N MET A 197 -7.92 -6.88 -3.75
CA MET A 197 -7.34 -7.28 -5.01
C MET A 197 -8.40 -7.29 -6.11
N SER A 198 -8.10 -6.67 -7.25
CA SER A 198 -9.01 -6.64 -8.40
C SER A 198 -9.29 -8.06 -8.89
N PRO A 199 -10.45 -8.27 -9.49
CA PRO A 199 -10.84 -9.57 -10.05
C PRO A 199 -9.77 -10.12 -10.99
N GLU A 200 -9.32 -9.31 -11.94
CA GLU A 200 -8.40 -9.81 -12.95
C GLU A 200 -7.08 -10.23 -12.31
N GLN A 201 -6.73 -9.58 -11.21
CA GLN A 201 -5.52 -9.93 -10.50
C GLN A 201 -5.70 -11.24 -9.72
N ILE A 202 -6.89 -11.42 -9.15
CA ILE A 202 -7.22 -12.65 -8.43
C ILE A 202 -7.16 -13.86 -9.38
N HIS A 203 -7.75 -13.72 -10.56
CA HIS A 203 -7.86 -14.83 -11.51
C HIS A 203 -6.66 -15.01 -12.43
N GLY A 204 -5.58 -14.27 -12.16
CA GLY A 204 -4.39 -14.38 -12.97
C GLY A 204 -4.58 -14.00 -14.43
N ASN A 205 -5.54 -13.12 -14.70
CA ASN A 205 -5.72 -12.60 -16.05
C ASN A 205 -4.75 -11.45 -16.36
N SER A 206 -4.60 -11.14 -17.64
CA SER A 206 -3.78 -9.99 -18.05
C SER A 206 -4.27 -8.76 -17.29
N TYR A 207 -3.34 -7.94 -16.82
CA TYR A 207 -3.73 -6.74 -16.09
C TYR A 207 -2.82 -5.54 -16.25
N SER A 208 -3.37 -4.37 -15.93
CA SER A 208 -2.67 -3.10 -16.07
C SER A 208 -2.70 -2.35 -14.75
N HIS A 209 -2.19 -1.12 -14.78
CA HIS A 209 -2.19 -0.21 -13.64
C HIS A 209 -3.61 -0.01 -13.08
N LYS A 210 -4.63 -0.31 -13.88
CA LYS A 210 -6.00 -0.24 -13.42
C LYS A 210 -6.28 -1.10 -12.17
N VAL A 211 -5.41 -2.08 -11.89
CA VAL A 211 -5.59 -2.90 -10.67
C VAL A 211 -5.50 -2.04 -9.41
N ASP A 212 -4.60 -1.05 -9.44
CA ASP A 212 -4.45 -0.17 -8.30
C ASP A 212 -5.71 0.66 -8.06
N ILE A 213 -6.45 0.95 -9.12
CA ILE A 213 -7.60 1.82 -8.97
C ILE A 213 -8.70 1.09 -8.20
N PHE A 214 -8.80 -0.21 -8.44
CA PHE A 214 -9.79 -1.03 -7.76
C PHE A 214 -9.52 -1.04 -6.25
N SER A 215 -8.27 -1.26 -5.87
CA SER A 215 -7.89 -1.21 -4.47
C SER A 215 -8.21 0.15 -3.84
N LEU A 216 -7.88 1.23 -4.55
CA LEU A 216 -8.17 2.57 -4.05
C LEU A 216 -9.64 2.76 -3.72
N GLY A 217 -10.51 2.16 -4.53
CA GLY A 217 -11.93 2.30 -4.36
C GLY A 217 -12.38 1.72 -3.02
N LEU A 218 -11.95 0.49 -2.75
CA LEU A 218 -12.33 -0.19 -1.52
C LEU A 218 -11.75 0.54 -0.31
N ILE A 219 -10.53 1.07 -0.46
CA ILE A 219 -9.89 1.80 0.64
C ILE A 219 -10.61 3.11 0.96
N LEU A 220 -11.06 3.82 -0.06
CA LEU A 220 -11.81 5.05 0.16
C LEU A 220 -13.10 4.77 0.94
N PHE A 221 -13.85 3.75 0.52
CA PHE A 221 -15.03 3.35 1.24
C PHE A 221 -14.68 3.03 2.70
N GLU A 222 -13.70 2.15 2.89
CA GLU A 222 -13.34 1.74 4.23
C GLU A 222 -12.93 2.90 5.13
N LEU A 223 -12.29 3.92 4.55
CA LEU A 223 -11.85 5.08 5.34
C LEU A 223 -13.04 5.86 5.90
N LEU A 224 -14.11 5.89 5.12
CA LEU A 224 -15.30 6.67 5.41
C LEU A 224 -16.40 5.90 6.15
N TYR A 225 -16.22 4.60 6.32
CA TYR A 225 -17.27 3.75 6.90
C TYR A 225 -16.70 2.83 7.99
N PRO A 226 -16.68 3.31 9.24
CA PRO A 226 -16.15 2.53 10.37
C PRO A 226 -17.01 1.29 10.66
N PHE A 227 -16.38 0.22 11.13
CA PHE A 227 -17.08 -1.01 11.48
C PHE A 227 -16.98 -1.28 12.99
N SER A 228 -18.05 -1.83 13.57
CA SER A 228 -18.04 -2.20 15.01
C SER A 228 -17.23 -3.48 15.28
N THR A 229 -17.36 -4.47 14.40
CA THR A 229 -16.65 -5.74 14.56
C THR A 229 -15.90 -6.16 13.30
N GLN A 230 -14.94 -7.05 13.46
CA GLN A 230 -14.16 -7.56 12.35
C GLN A 230 -15.04 -8.28 11.31
N MET A 231 -16.03 -9.01 11.81
CA MET A 231 -16.89 -9.79 10.93
C MET A 231 -17.81 -8.89 10.09
N GLU A 232 -18.27 -7.79 10.68
CA GLU A 232 -19.07 -6.81 9.95
C GLU A 232 -18.21 -6.19 8.83
N ARG A 233 -16.94 -5.94 9.14
CA ARG A 233 -16.02 -5.39 8.16
C ARG A 233 -15.95 -6.30 6.94
N VAL A 234 -15.76 -7.59 7.17
CA VAL A 234 -15.65 -8.53 6.05
C VAL A 234 -16.97 -8.71 5.31
N ARG A 235 -18.07 -8.75 6.06
CA ARG A 235 -19.38 -8.93 5.43
C ARG A 235 -19.69 -7.74 4.50
N THR A 236 -19.36 -6.54 4.97
CA THR A 236 -19.67 -5.33 4.21
C THR A 236 -18.72 -5.11 3.01
N LEU A 237 -17.42 -5.24 3.23
CA LEU A 237 -16.45 -5.10 2.15
C LEU A 237 -16.71 -6.08 1.01
N THR A 238 -17.01 -7.33 1.31
CA THR A 238 -17.29 -8.27 0.21
C THR A 238 -18.53 -7.84 -0.56
N ASP A 239 -19.49 -7.21 0.13
CA ASP A 239 -20.64 -6.63 -0.58
C ASP A 239 -20.27 -5.42 -1.45
N VAL A 240 -19.50 -4.48 -0.90
CA VAL A 240 -19.00 -3.34 -1.67
C VAL A 240 -18.26 -3.78 -2.94
N ARG A 241 -17.36 -4.77 -2.81
CA ARG A 241 -16.67 -5.31 -3.98
CA ARG A 241 -16.67 -5.37 -3.96
C ARG A 241 -17.65 -5.62 -5.10
N ASN A 242 -18.85 -6.05 -4.72
CA ASN A 242 -19.88 -6.47 -5.66
C ASN A 242 -20.90 -5.35 -5.87
N LEU A 243 -20.52 -4.13 -5.48
CA LEU A 243 -21.33 -2.94 -5.76
C LEU A 243 -22.65 -2.89 -4.97
N LYS A 244 -22.65 -3.51 -3.80
CA LYS A 244 -23.78 -3.39 -2.89
C LYS A 244 -23.31 -2.57 -1.71
N PHE A 245 -23.88 -1.39 -1.55
CA PHE A 245 -23.44 -0.44 -0.51
C PHE A 245 -24.47 -0.29 0.59
N PRO A 246 -24.02 0.01 1.81
CA PRO A 246 -24.92 0.35 2.93
C PRO A 246 -25.66 1.64 2.61
N PRO A 247 -27.00 1.62 2.70
CA PRO A 247 -27.82 2.79 2.36
C PRO A 247 -27.37 4.06 3.08
N LEU A 248 -26.88 3.92 4.30
CA LEU A 248 -26.40 5.07 5.06
C LEU A 248 -25.22 5.74 4.37
N PHE A 249 -24.36 4.93 3.75
CA PHE A 249 -23.17 5.46 3.10
C PHE A 249 -23.55 6.26 1.86
N THR A 250 -24.41 5.69 1.03
CA THR A 250 -24.81 6.34 -0.22
C THR A 250 -25.49 7.69 0.02
N GLN A 251 -26.13 7.84 1.17
CA GLN A 251 -26.84 9.07 1.51
C GLN A 251 -25.95 10.08 2.25
N LYS A 252 -25.01 9.59 3.05
CA LYS A 252 -24.05 10.47 3.72
C LYS A 252 -22.95 10.98 2.77
N TYR A 253 -22.61 10.17 1.77
CA TYR A 253 -21.50 10.48 0.87
C TYR A 253 -21.84 10.24 -0.58
N PRO A 254 -22.82 10.99 -1.11
CA PRO A 254 -23.29 10.74 -2.48
C PRO A 254 -22.19 10.84 -3.55
N CYS A 255 -21.22 11.74 -3.36
CA CYS A 255 -20.19 11.93 -4.36
C CYS A 255 -19.13 10.83 -4.32
N GLU A 256 -18.65 10.53 -3.11
CA GLU A 256 -17.66 9.49 -2.91
C GLU A 256 -18.22 8.16 -3.35
N TYR A 257 -19.52 7.97 -3.11
CA TYR A 257 -20.25 6.81 -3.57
C TYR A 257 -20.12 6.53 -5.08
N VAL A 258 -20.38 7.52 -5.94
CA VAL A 258 -20.22 7.26 -7.38
C VAL A 258 -18.75 7.11 -7.78
N MET A 259 -17.85 7.83 -7.11
CA MET A 259 -16.43 7.59 -7.29
C MET A 259 -16.08 6.13 -7.00
N VAL A 260 -16.52 5.65 -5.83
CA VAL A 260 -16.17 4.30 -5.42
C VAL A 260 -16.76 3.29 -6.40
N GLN A 261 -18.01 3.53 -6.79
CA GLN A 261 -18.68 2.70 -7.78
C GLN A 261 -17.85 2.58 -9.05
N ASP A 262 -17.34 3.71 -9.53
CA ASP A 262 -16.54 3.70 -10.76
C ASP A 262 -15.21 2.98 -10.57
N MET A 263 -14.55 3.24 -9.44
CA MET A 263 -13.24 2.64 -9.21
C MET A 263 -13.36 1.12 -9.10
N LEU A 264 -14.55 0.64 -8.75
CA LEU A 264 -14.75 -0.80 -8.55
C LEU A 264 -15.41 -1.52 -9.73
N SER A 265 -15.44 -0.89 -10.91
CA SER A 265 -15.94 -1.57 -12.11
C SER A 265 -15.22 -2.89 -12.30
N PRO A 266 -15.99 -3.96 -12.53
CA PRO A 266 -15.36 -5.26 -12.79
C PRO A 266 -14.52 -5.21 -14.06
N SER A 267 -14.91 -4.33 -14.98
CA SER A 267 -14.13 -4.10 -16.20
C SER A 267 -13.08 -3.01 -15.94
N PRO A 268 -11.79 -3.36 -16.06
CA PRO A 268 -10.72 -2.39 -15.75
C PRO A 268 -10.68 -1.13 -16.64
N MET A 269 -11.07 -1.24 -17.91
CA MET A 269 -11.04 -0.09 -18.82
C MET A 269 -11.90 1.04 -18.30
N GLU A 270 -12.94 0.69 -17.53
CA GLU A 270 -13.93 1.64 -17.05
C GLU A 270 -13.51 2.39 -15.80
N ARG A 271 -12.43 1.95 -15.16
CA ARG A 271 -12.03 2.59 -13.91
C ARG A 271 -11.29 3.86 -14.25
N PRO A 272 -11.50 4.92 -13.46
CA PRO A 272 -10.83 6.18 -13.76
C PRO A 272 -9.33 6.12 -13.54
N GLU A 273 -8.61 6.96 -14.28
CA GLU A 273 -7.18 7.17 -14.06
C GLU A 273 -6.96 7.82 -12.69
N ALA A 274 -5.82 7.51 -12.07
CA ALA A 274 -5.49 8.08 -10.79
C ALA A 274 -5.56 9.61 -10.86
N ILE A 275 -5.11 10.18 -11.99
CA ILE A 275 -5.11 11.62 -12.15
C ILE A 275 -6.54 12.15 -12.07
N ASN A 276 -7.48 11.45 -12.70
CA ASN A 276 -8.88 11.84 -12.65
C ASN A 276 -9.46 11.80 -11.22
N ILE A 277 -9.02 10.84 -10.43
CA ILE A 277 -9.49 10.71 -9.06
C ILE A 277 -8.95 11.85 -8.20
N ILE A 278 -7.65 12.11 -8.33
CA ILE A 278 -7.02 13.18 -7.59
C ILE A 278 -7.66 14.53 -7.86
N GLU A 279 -8.13 14.74 -9.10
CA GLU A 279 -8.74 16.01 -9.49
C GLU A 279 -10.25 16.06 -9.25
N ASN A 280 -10.80 15.01 -8.66
CA ASN A 280 -12.24 15.00 -8.44
C ASN A 280 -12.65 16.15 -7.51
N ALA A 281 -13.86 16.67 -7.70
CA ALA A 281 -14.38 17.74 -6.86
C ALA A 281 -14.34 17.42 -5.36
N VAL A 282 -14.57 16.16 -4.99
CA VAL A 282 -14.64 15.82 -3.57
C VAL A 282 -13.39 16.25 -2.81
N PHE A 283 -12.28 16.44 -3.52
CA PHE A 283 -11.03 16.81 -2.86
C PHE A 283 -10.71 18.31 -2.91
N GLU A 284 -11.65 19.12 -3.38
CA GLU A 284 -11.43 20.55 -3.58
C GLU A 284 -11.37 21.39 -2.31
N ASP A 285 -12.12 20.98 -1.28
CA ASP A 285 -11.97 21.62 0.02
C ASP A 285 -10.65 21.18 0.64
N LEU A 286 -9.69 22.09 0.69
CA LEU A 286 -8.37 21.77 1.22
C LEU A 286 -8.27 22.04 2.72
C1 GOL B . 2.57 11.96 0.33
O1 GOL B . 2.08 11.23 1.44
C2 GOL B . 1.58 12.02 -0.84
O2 GOL B . 1.55 10.79 -1.51
C3 GOL B . 1.98 13.13 -1.81
O3 GOL B . 0.86 13.92 -2.12
C 0WH C . 7.44 -1.67 7.55
F 0WH C . 15.22 -0.90 -2.67
N 0WH C . 7.31 -1.13 8.86
O 0WH C . 8.49 0.60 -0.86
C01 0WH C . 6.26 -3.90 7.72
F01 0WH C . 14.30 -1.47 -4.53
N01 0WH C . 6.96 -2.91 7.01
C02 0WH C . 7.33 -2.93 5.69
F02 0WH C . 15.59 0.32 -4.45
N02 0WH C . 9.85 -1.01 0.05
C03 0WH C . 8.01 -1.80 5.41
N03 0WH C . 9.28 1.05 5.91
C04 0WH C . 8.50 -1.52 4.03
N04 0WH C . 8.46 0.77 8.21
C05 0WH C . 7.94 -0.35 3.29
C06 0WH C . 8.34 -0.10 2.04
C07 0WH C . 9.31 -0.98 1.40
C08 0WH C . 10.85 -2.06 -0.04
C09 0WH C . 10.74 -2.86 1.19
C10 0WH C . 9.81 -2.15 2.10
C11 0WH C . 9.41 -2.41 3.37
C12 0WH C . 9.34 -0.19 -1.07
C13 0WH C . 9.86 -0.36 -2.40
C14 0WH C . 11.14 0.43 -2.72
C15 0WH C . 11.14 1.89 -2.72
C16 0WH C . 12.31 2.56 -3.02
C17 0WH C . 13.50 1.80 -3.37
C18 0WH C . 13.48 0.41 -3.38
C19 0WH C . 12.26 -0.29 -3.05
C20 0WH C . 14.70 -0.42 -3.74
C21 0WH C . 8.05 -0.99 6.60
C22 0WH C . 8.58 0.24 6.90
C23 0WH C . 7.85 0.09 9.14
#